data_4TYI
#
_entry.id   4TYI
#
_cell.length_a   65.900
_cell.length_b   65.900
_cell.length_c   182.262
_cell.angle_alpha   90.00
_cell.angle_beta   90.00
_cell.angle_gamma   90.00
#
_symmetry.space_group_name_H-M   'P 43 21 2'
#
loop_
_entity.id
_entity.type
_entity.pdbx_description
1 polymer 'Fibroblast growth factor receptor 4'
2 non-polymer 4-amino-5-fluoro-3-[5-(4-methylpiperazin-1-yl)-1H-benzimidazol-2-yl]quinolin-2(1H)-one
#
_entity_poly.entity_id   1
_entity_poly.type   'polypeptide(L)'
_entity_poly.pdbx_seq_one_letter_code
;AMGSAGLVSLDLPLDPLWEFPRDRLVLGKPLGEGCFGQVVRAEAFGMDPARPDQASTVAVKMLKDNASDKDLADLVSEME
VMKLIGRHKNIINLLGVCTQEGPLYVIVECAAKGNLREFLRARRPPGPDLSPDGPRSSEGPLSFPVLVSCAYQVARGMQY
LESRKCIHRDLAARNVLVTEDNVMKIADFGLARGVHHIDYYKKTSNGRLPVKWMAPEALFDRVYTHQSDVWSFGILLWEI
FTLGGSPYPGIPVEELFSLLREGHRMDRPPHCPPELYGLMRECWHAAPSQRPTFKQLVEALDKVLLAVSEE
;
_entity_poly.pdbx_strand_id   A
#
# COMPACT_ATOMS: atom_id res chain seq x y z
N SER A 4 13.86 -16.29 10.49
CA SER A 4 13.38 -15.61 11.73
C SER A 4 14.23 -14.38 12.07
N ALA A 5 13.90 -13.27 11.42
CA ALA A 5 14.61 -11.98 11.57
C ALA A 5 16.12 -12.06 11.25
N GLY A 6 16.47 -12.90 10.27
CA GLY A 6 17.86 -13.13 9.87
C GLY A 6 18.32 -12.12 8.83
N LEU A 7 19.58 -11.71 8.94
CA LEU A 7 20.19 -10.77 7.99
C LEU A 7 20.71 -11.50 6.73
N VAL A 8 21.25 -10.73 5.79
CA VAL A 8 21.90 -11.25 4.59
C VAL A 8 22.99 -12.29 4.87
N SER A 9 23.04 -13.32 4.02
CA SER A 9 24.03 -14.39 4.08
C SER A 9 24.49 -14.76 2.67
N LEU A 10 25.44 -15.69 2.57
CA LEU A 10 25.86 -16.25 1.28
C LEU A 10 24.70 -17.06 0.68
N ASP A 11 24.17 -17.98 1.49
CA ASP A 11 22.95 -18.70 1.19
C ASP A 11 21.96 -18.48 2.33
N LEU A 12 20.75 -18.04 1.99
CA LEU A 12 19.68 -17.81 2.97
C LEU A 12 19.11 -19.14 3.48
N PRO A 13 18.52 -19.15 4.70
CA PRO A 13 18.04 -20.41 5.28
C PRO A 13 16.77 -20.95 4.62
N LEU A 14 16.62 -22.27 4.64
CA LEU A 14 15.48 -22.96 4.03
C LEU A 14 14.29 -22.91 5.01
N ASP A 15 13.15 -22.42 4.54
CA ASP A 15 11.92 -22.34 5.32
C ASP A 15 10.81 -23.12 4.61
N PRO A 16 10.42 -24.31 5.13
CA PRO A 16 9.50 -25.20 4.42
C PRO A 16 8.04 -24.69 4.27
N LEU A 17 7.62 -23.78 5.15
CA LEU A 17 6.28 -23.19 5.08
C LEU A 17 6.08 -22.24 3.88
N TRP A 18 7.16 -21.64 3.39
CA TRP A 18 7.08 -20.60 2.33
C TRP A 18 7.91 -20.84 1.05
N GLU A 19 8.77 -21.86 1.03
CA GLU A 19 9.68 -22.07 -0.11
C GLU A 19 8.94 -22.53 -1.36
N PHE A 20 9.41 -22.07 -2.52
CA PHE A 20 8.79 -22.36 -3.81
C PHE A 20 9.85 -22.81 -4.83
N PRO A 21 9.50 -23.77 -5.72
CA PRO A 21 10.49 -24.20 -6.72
C PRO A 21 10.72 -23.15 -7.80
N ARG A 22 11.98 -22.71 -7.93
CA ARG A 22 12.34 -21.69 -8.91
C ARG A 22 12.23 -22.19 -10.36
N ASP A 23 12.43 -23.50 -10.57
CA ASP A 23 12.21 -24.12 -11.90
C ASP A 23 10.74 -24.07 -12.36
N ARG A 24 9.81 -24.14 -11.41
CA ARG A 24 8.38 -23.96 -11.71
C ARG A 24 8.01 -22.51 -12.04
N LEU A 25 8.66 -21.56 -11.36
CA LEU A 25 8.44 -20.13 -11.60
C LEU A 25 9.08 -19.68 -12.91
N VAL A 26 8.31 -18.98 -13.74
CA VAL A 26 8.78 -18.45 -15.03
C VAL A 26 8.54 -16.94 -15.07
N LEU A 27 9.61 -16.16 -15.14
CA LEU A 27 9.54 -14.70 -15.13
C LEU A 27 9.04 -14.16 -16.46
N GLY A 28 8.58 -12.90 -16.43
CA GLY A 28 8.01 -12.22 -17.59
C GLY A 28 8.51 -10.79 -17.71
N LYS A 29 7.70 -9.94 -18.34
CA LYS A 29 8.06 -8.54 -18.59
C LYS A 29 8.08 -7.72 -17.29
N PRO A 30 8.89 -6.63 -17.24
CA PRO A 30 8.99 -5.83 -16.02
C PRO A 30 7.77 -4.93 -15.76
N LEU A 31 7.13 -5.13 -14.61
CA LEU A 31 5.95 -4.36 -14.21
C LEU A 31 6.35 -2.98 -13.69
N GLY A 32 7.24 -2.98 -12.69
CA GLY A 32 7.66 -1.76 -12.01
C GLY A 32 9.16 -1.49 -12.17
N GLU A 33 9.48 -0.43 -12.89
CA GLU A 33 10.85 0.10 -12.95
C GLU A 33 11.30 0.55 -11.56
N GLY A 34 12.48 0.10 -11.14
CA GLY A 34 13.06 0.47 -9.85
C GLY A 34 14.57 0.65 -9.97
N CYS A 35 15.11 1.55 -9.15
CA CYS A 35 16.51 1.97 -9.27
C CYS A 35 17.49 0.88 -8.84
N PHE A 36 17.32 0.38 -7.62
CA PHE A 36 18.21 -0.64 -7.03
C PHE A 36 17.58 -2.05 -6.98
N GLY A 37 16.27 -2.12 -6.67
CA GLY A 37 15.49 -3.35 -6.80
C GLY A 37 14.37 -3.16 -7.82
N GLN A 38 13.72 -4.25 -8.21
CA GLN A 38 12.56 -4.17 -9.13
C GLN A 38 11.51 -5.25 -8.87
N VAL A 39 10.31 -5.02 -9.44
CA VAL A 39 9.20 -5.98 -9.42
C VAL A 39 8.94 -6.40 -10.88
N VAL A 40 8.78 -7.71 -11.09
CA VAL A 40 8.56 -8.27 -12.43
C VAL A 40 7.35 -9.21 -12.46
N ARG A 41 6.68 -9.28 -13.61
CA ARG A 41 5.57 -10.21 -13.82
C ARG A 41 6.13 -11.63 -13.98
N ALA A 42 5.33 -12.62 -13.61
CA ALA A 42 5.75 -14.03 -13.71
C ALA A 42 4.55 -14.97 -13.70
N GLU A 43 4.61 -15.99 -14.57
CA GLU A 43 3.58 -17.04 -14.63
C GLU A 43 4.04 -18.24 -13.81
N ALA A 44 3.68 -18.23 -12.52
CA ALA A 44 4.07 -19.29 -11.59
C ALA A 44 3.17 -20.52 -11.77
N PHE A 45 3.77 -21.62 -12.22
CA PHE A 45 3.04 -22.87 -12.43
C PHE A 45 2.90 -23.64 -11.12
N GLY A 46 1.67 -24.06 -10.82
CA GLY A 46 1.38 -24.82 -9.61
C GLY A 46 1.55 -24.03 -8.32
N MET A 47 1.07 -22.78 -8.33
CA MET A 47 1.14 -21.91 -7.15
C MET A 47 0.17 -22.43 -6.09
N ASP A 48 -1.06 -22.69 -6.51
CA ASP A 48 -2.01 -23.45 -5.71
C ASP A 48 -1.60 -24.93 -5.80
N PRO A 49 -1.13 -25.52 -4.68
CA PRO A 49 -0.61 -26.89 -4.76
C PRO A 49 -1.68 -27.98 -4.86
N ALA A 50 -2.95 -27.64 -4.59
CA ALA A 50 -4.07 -28.56 -4.81
C ALA A 50 -4.26 -28.87 -6.30
N ARG A 51 -4.14 -27.83 -7.12
CA ARG A 51 -4.16 -27.95 -8.59
C ARG A 51 -2.78 -27.58 -9.16
N PRO A 52 -1.82 -28.53 -9.12
CA PRO A 52 -0.45 -28.22 -9.55
C PRO A 52 -0.29 -28.01 -11.07
N ASP A 53 -1.18 -28.59 -11.87
CA ASP A 53 -1.15 -28.42 -13.32
C ASP A 53 -1.50 -27.00 -13.75
N GLN A 54 -2.56 -26.44 -13.17
CA GLN A 54 -3.02 -25.08 -13.49
C GLN A 54 -2.09 -24.02 -12.93
N ALA A 55 -1.88 -22.94 -13.70
CA ALA A 55 -0.96 -21.86 -13.35
C ALA A 55 -1.71 -20.57 -12.97
N SER A 56 -0.95 -19.64 -12.39
CA SER A 56 -1.50 -18.34 -11.93
C SER A 56 -0.46 -17.23 -12.06
N THR A 57 -0.91 -16.06 -12.50
CA THR A 57 -0.04 -14.89 -12.70
C THR A 57 0.30 -14.24 -11.36
N VAL A 58 1.57 -13.87 -11.19
CA VAL A 58 2.08 -13.33 -9.91
C VAL A 58 3.18 -12.28 -10.14
N ALA A 59 3.36 -11.40 -9.14
CA ALA A 59 4.46 -10.43 -9.11
C ALA A 59 5.66 -11.02 -8.38
N VAL A 60 6.86 -10.55 -8.73
CA VAL A 60 8.11 -11.05 -8.14
C VAL A 60 9.05 -9.88 -7.83
N LYS A 61 9.14 -9.51 -6.55
CA LYS A 61 10.11 -8.51 -6.08
C LYS A 61 11.51 -9.14 -6.03
N MET A 62 12.49 -8.42 -6.59
CA MET A 62 13.89 -8.90 -6.68
C MET A 62 14.85 -7.71 -6.79
N LEU A 63 16.15 -7.99 -7.00
CA LEU A 63 17.15 -6.94 -7.19
C LEU A 63 18.26 -7.32 -8.19
N LYS A 64 18.74 -6.33 -8.93
CA LYS A 64 19.76 -6.51 -9.96
C LYS A 64 21.18 -6.54 -9.37
N ASP A 65 22.16 -6.86 -10.22
CA ASP A 65 23.57 -6.88 -9.82
C ASP A 65 24.13 -5.46 -9.69
N ASN A 66 23.82 -4.84 -8.55
CA ASN A 66 24.23 -3.46 -8.23
C ASN A 66 23.83 -3.02 -6.80
N ALA A 67 22.65 -3.46 -6.36
CA ALA A 67 22.16 -3.28 -4.98
C ALA A 67 23.17 -3.77 -3.93
N SER A 68 23.27 -3.01 -2.84
CA SER A 68 24.28 -3.24 -1.79
C SER A 68 23.89 -4.40 -0.88
N ASP A 69 24.78 -4.72 0.06
CA ASP A 69 24.53 -5.73 1.09
C ASP A 69 23.36 -5.35 2.00
N LYS A 70 23.24 -4.05 2.28
CA LYS A 70 22.10 -3.51 3.05
C LYS A 70 20.77 -3.60 2.29
N ASP A 71 20.80 -3.41 0.98
CA ASP A 71 19.59 -3.49 0.13
C ASP A 71 18.94 -4.87 0.12
N LEU A 72 19.75 -5.92 0.21
CA LEU A 72 19.24 -7.29 0.34
C LEU A 72 18.58 -7.50 1.71
N ALA A 73 19.25 -7.05 2.77
CA ALA A 73 18.73 -7.11 4.14
C ALA A 73 17.37 -6.40 4.31
N ASP A 74 17.12 -5.36 3.52
CA ASP A 74 15.81 -4.70 3.46
C ASP A 74 14.75 -5.60 2.84
N LEU A 75 15.10 -6.24 1.73
CA LEU A 75 14.20 -7.17 1.03
C LEU A 75 13.92 -8.44 1.85
N VAL A 76 14.92 -8.92 2.59
CA VAL A 76 14.75 -10.04 3.52
C VAL A 76 13.85 -9.62 4.70
N SER A 77 14.05 -8.41 5.20
CA SER A 77 13.19 -7.84 6.26
C SER A 77 11.75 -7.64 5.79
N GLU A 78 11.58 -7.20 4.54
CA GLU A 78 10.25 -7.09 3.93
C GLU A 78 9.55 -8.45 3.78
N MET A 79 10.34 -9.48 3.45
CA MET A 79 9.84 -10.85 3.33
C MET A 79 9.38 -11.41 4.69
N GLU A 80 10.27 -11.34 5.69
CA GLU A 80 9.99 -11.89 7.03
C GLU A 80 8.81 -11.23 7.74
N VAL A 81 8.59 -9.94 7.49
CA VAL A 81 7.43 -9.22 8.03
C VAL A 81 6.13 -9.72 7.39
N MET A 82 6.15 -9.98 6.08
CA MET A 82 4.98 -10.50 5.35
C MET A 82 4.56 -11.91 5.79
N LYS A 83 5.52 -12.71 6.27
CA LYS A 83 5.23 -14.04 6.82
C LYS A 83 4.37 -13.96 8.08
N LEU A 84 4.77 -13.09 9.00
CA LEU A 84 4.08 -12.96 10.30
C LEU A 84 2.70 -12.30 10.19
N ILE A 85 2.59 -11.26 9.36
CA ILE A 85 1.33 -10.53 9.16
C ILE A 85 0.21 -11.41 8.58
N GLY A 86 0.56 -12.32 7.68
CA GLY A 86 -0.38 -13.30 7.16
C GLY A 86 -1.30 -12.75 6.09
N ARG A 87 -2.47 -13.38 5.96
CA ARG A 87 -3.39 -13.09 4.86
C ARG A 87 -4.52 -12.14 5.26
N HIS A 88 -4.88 -11.26 4.32
CA HIS A 88 -6.10 -10.46 4.39
C HIS A 88 -6.52 -10.08 2.98
N LYS A 89 -7.83 -9.93 2.78
CA LYS A 89 -8.42 -9.65 1.45
C LYS A 89 -7.88 -8.37 0.80
N ASN A 90 -7.63 -7.35 1.60
CA ASN A 90 -7.19 -6.02 1.13
C ASN A 90 -5.70 -5.73 1.36
N ILE A 91 -4.85 -6.73 1.07
CA ILE A 91 -3.39 -6.63 1.26
C ILE A 91 -2.67 -7.42 0.17
N ILE A 92 -1.56 -6.88 -0.34
CA ILE A 92 -0.61 -7.65 -1.18
C ILE A 92 0.03 -8.72 -0.29
N ASN A 93 -0.53 -9.92 -0.36
CA ASN A 93 -0.07 -11.05 0.47
C ASN A 93 1.09 -11.80 -0.17
N LEU A 94 1.91 -12.42 0.70
CA LEU A 94 3.01 -13.29 0.27
C LEU A 94 2.42 -14.61 -0.21
N LEU A 95 2.94 -15.12 -1.33
CA LEU A 95 2.56 -16.42 -1.88
C LEU A 95 3.68 -17.44 -1.78
N GLY A 96 4.91 -17.03 -2.09
CA GLY A 96 6.08 -17.91 -1.99
C GLY A 96 7.40 -17.17 -2.07
N VAL A 97 8.49 -17.92 -1.83
CA VAL A 97 9.85 -17.38 -1.88
C VAL A 97 10.80 -18.41 -2.50
N CYS A 98 11.80 -17.92 -3.24
CA CYS A 98 12.87 -18.75 -3.79
C CYS A 98 14.21 -18.23 -3.27
N THR A 99 14.82 -18.97 -2.37
CA THR A 99 16.04 -18.54 -1.65
C THR A 99 17.29 -19.30 -2.06
N GLN A 100 17.31 -20.61 -1.78
CA GLN A 100 18.54 -21.40 -1.81
C GLN A 100 19.05 -21.72 -3.22
N GLU A 101 20.37 -21.73 -3.38
CA GLU A 101 21.06 -22.06 -4.63
C GLU A 101 20.68 -21.15 -5.81
N GLY A 102 20.80 -19.85 -5.58
CA GLY A 102 20.51 -18.83 -6.61
C GLY A 102 20.11 -17.48 -6.03
N PRO A 103 19.79 -16.50 -6.91
CA PRO A 103 19.28 -15.19 -6.47
C PRO A 103 17.94 -15.25 -5.72
N LEU A 104 17.69 -14.23 -4.89
CA LEU A 104 16.47 -14.16 -4.10
C LEU A 104 15.30 -13.63 -4.93
N TYR A 105 14.19 -14.39 -4.92
CA TYR A 105 12.93 -13.96 -5.52
C TYR A 105 11.83 -14.09 -4.48
N VAL A 106 11.19 -12.97 -4.12
CA VAL A 106 10.06 -12.95 -3.20
C VAL A 106 8.78 -12.81 -4.04
N ILE A 107 7.93 -13.83 -4.00
CA ILE A 107 6.71 -13.88 -4.82
C ILE A 107 5.54 -13.33 -4.02
N VAL A 108 4.88 -12.31 -4.57
CA VAL A 108 3.68 -11.70 -3.98
C VAL A 108 2.57 -11.63 -5.03
N GLU A 109 1.32 -11.63 -4.59
CA GLU A 109 0.17 -11.71 -5.51
C GLU A 109 0.06 -10.46 -6.39
N CYS A 110 -0.32 -10.69 -7.66
CA CYS A 110 -0.33 -9.65 -8.68
C CYS A 110 -1.61 -8.82 -8.68
N ALA A 111 -1.47 -7.58 -9.17
CA ALA A 111 -2.55 -6.60 -9.26
C ALA A 111 -2.65 -6.15 -10.72
N ALA A 112 -3.77 -6.50 -11.34
CA ALA A 112 -3.94 -6.39 -12.80
C ALA A 112 -4.18 -4.96 -13.30
N LYS A 113 -4.97 -4.18 -12.55
CA LYS A 113 -5.36 -2.82 -12.95
C LYS A 113 -4.48 -1.68 -12.41
N GLY A 114 -3.30 -2.02 -11.87
CA GLY A 114 -2.31 -1.02 -11.46
C GLY A 114 -2.64 -0.28 -10.18
N ASN A 115 -1.86 0.77 -9.92
CA ASN A 115 -2.06 1.61 -8.72
C ASN A 115 -3.34 2.44 -8.78
N LEU A 116 -3.84 2.83 -7.61
CA LEU A 116 -5.13 3.53 -7.50
C LEU A 116 -5.13 4.92 -8.14
N ARG A 117 -3.97 5.60 -8.15
CA ARG A 117 -3.85 6.92 -8.79
C ARG A 117 -4.03 6.80 -10.31
N GLU A 118 -3.28 5.89 -10.92
CA GLU A 118 -3.37 5.61 -12.36
C GLU A 118 -4.70 4.97 -12.76
N PHE A 119 -5.28 4.19 -11.85
CA PHE A 119 -6.59 3.56 -12.06
C PHE A 119 -7.72 4.59 -12.16
N LEU A 120 -7.76 5.51 -11.20
CA LEU A 120 -8.78 6.56 -11.15
C LEU A 120 -8.61 7.59 -12.27
N ARG A 121 -7.38 8.00 -12.54
CA ARG A 121 -7.07 8.95 -13.63
C ARG A 121 -7.43 8.42 -15.02
N ALA A 122 -7.30 7.11 -15.23
CA ALA A 122 -7.68 6.48 -16.50
C ALA A 122 -9.21 6.50 -16.67
N ARG A 123 -9.91 6.01 -15.65
CA ARG A 123 -11.39 6.02 -15.63
C ARG A 123 -11.92 7.39 -15.19
N ARG A 124 -11.90 8.35 -16.13
CA ARG A 124 -12.42 9.70 -15.90
C ARG A 124 -13.45 10.08 -16.98
N PRO A 125 -14.41 10.95 -16.64
CA PRO A 125 -15.35 11.46 -17.65
C PRO A 125 -14.70 12.56 -18.50
N PRO A 126 -14.62 12.36 -19.83
CA PRO A 126 -13.99 13.37 -20.70
C PRO A 126 -14.91 14.54 -20.98
N PRO A 141 -17.85 5.53 -16.82
CA PRO A 141 -17.36 4.74 -15.69
C PRO A 141 -17.10 5.58 -14.43
N LEU A 142 -16.73 4.89 -13.35
CA LEU A 142 -16.45 5.49 -12.04
C LEU A 142 -17.67 6.18 -11.42
N SER A 143 -18.51 5.37 -10.77
CA SER A 143 -19.67 5.86 -10.01
C SER A 143 -19.28 6.17 -8.57
N PHE A 144 -20.19 6.81 -7.84
CA PHE A 144 -19.96 7.18 -6.43
C PHE A 144 -19.76 5.98 -5.48
N PRO A 145 -20.65 4.96 -5.52
CA PRO A 145 -20.46 3.81 -4.62
C PRO A 145 -19.12 3.05 -4.79
N VAL A 146 -18.60 3.01 -6.02
CA VAL A 146 -17.29 2.40 -6.29
C VAL A 146 -16.14 3.16 -5.61
N LEU A 147 -16.25 4.48 -5.56
CA LEU A 147 -15.28 5.33 -4.85
C LEU A 147 -15.33 5.12 -3.33
N VAL A 148 -16.54 4.98 -2.79
CA VAL A 148 -16.74 4.69 -1.35
C VAL A 148 -16.29 3.25 -1.04
N SER A 149 -16.57 2.33 -1.95
CA SER A 149 -16.08 0.94 -1.85
C SER A 149 -14.56 0.85 -1.83
N CYS A 150 -13.90 1.72 -2.61
CA CYS A 150 -12.43 1.81 -2.61
C CYS A 150 -11.90 2.34 -1.28
N ALA A 151 -12.50 3.42 -0.79
CA ALA A 151 -12.14 4.03 0.50
C ALA A 151 -12.41 3.11 1.69
N TYR A 152 -13.51 2.36 1.62
CA TYR A 152 -13.88 1.39 2.67
C TYR A 152 -12.90 0.22 2.75
N GLN A 153 -12.46 -0.29 1.61
CA GLN A 153 -11.56 -1.45 1.54
C GLN A 153 -10.16 -1.17 2.10
N VAL A 154 -9.63 0.03 1.86
CA VAL A 154 -8.34 0.44 2.41
C VAL A 154 -8.42 0.61 3.93
N ALA A 155 -9.53 1.18 4.41
CA ALA A 155 -9.77 1.33 5.85
C ALA A 155 -9.78 -0.02 6.59
N ARG A 156 -10.45 -1.01 6.00
CA ARG A 156 -10.43 -2.40 6.52
C ARG A 156 -9.02 -2.99 6.49
N GLY A 157 -8.34 -2.81 5.36
CA GLY A 157 -6.96 -3.28 5.18
C GLY A 157 -5.97 -2.64 6.16
N MET A 158 -6.12 -1.34 6.39
CA MET A 158 -5.29 -0.62 7.35
C MET A 158 -5.60 -1.02 8.80
N GLN A 159 -6.86 -1.29 9.10
CA GLN A 159 -7.27 -1.74 10.44
C GLN A 159 -6.60 -3.07 10.84
N TYR A 160 -6.45 -3.98 9.88
CA TYR A 160 -5.79 -5.27 10.11
C TYR A 160 -4.29 -5.09 10.37
N LEU A 161 -3.63 -4.28 9.55
CA LEU A 161 -2.20 -3.96 9.76
C LEU A 161 -1.95 -3.15 11.04
N GLU A 162 -2.93 -2.34 11.45
CA GLU A 162 -2.89 -1.62 12.73
C GLU A 162 -2.90 -2.61 13.92
N SER A 163 -3.80 -3.60 13.85
CA SER A 163 -3.94 -4.60 14.92
C SER A 163 -2.74 -5.55 15.05
N ARG A 164 -1.99 -5.74 13.95
CA ARG A 164 -0.74 -6.54 13.97
C ARG A 164 0.54 -5.72 14.25
N LYS A 165 0.39 -4.45 14.62
CA LYS A 165 1.51 -3.58 15.03
C LYS A 165 2.58 -3.40 13.94
N CYS A 166 2.12 -3.15 12.71
CA CYS A 166 3.00 -2.98 11.56
C CYS A 166 3.43 -1.53 11.38
N ILE A 167 2.44 -0.64 11.30
CA ILE A 167 2.63 0.81 11.05
C ILE A 167 3.13 1.06 9.62
N HIS A 168 2.25 1.58 8.78
CA HIS A 168 2.60 1.92 7.38
C HIS A 168 3.49 3.17 7.36
N ARG A 169 4.35 3.27 6.35
CA ARG A 169 5.28 4.39 6.23
C ARG A 169 4.57 5.68 5.81
N ASP A 170 4.13 5.74 4.54
CA ASP A 170 3.53 6.95 3.97
C ASP A 170 2.01 6.83 3.71
N LEU A 171 1.60 5.78 3.00
CA LEU A 171 0.21 5.55 2.56
C LEU A 171 -0.31 6.59 1.57
N ALA A 172 -0.58 6.14 0.35
CA ALA A 172 -1.05 7.01 -0.75
C ALA A 172 -1.74 6.19 -1.83
N ALA A 173 -2.29 6.88 -2.84
CA ALA A 173 -2.93 6.23 -3.99
C ALA A 173 -1.97 5.36 -4.78
N ARG A 174 -0.71 5.80 -4.91
CA ARG A 174 0.34 5.01 -5.56
C ARG A 174 0.58 3.66 -4.86
N ASN A 175 0.60 3.67 -3.54
CA ASN A 175 0.88 2.47 -2.74
C ASN A 175 -0.27 1.45 -2.65
N VAL A 176 -1.51 1.88 -2.92
CA VAL A 176 -2.67 0.96 -2.99
C VAL A 176 -2.83 0.47 -4.43
N LEU A 177 -3.06 -0.84 -4.59
CA LEU A 177 -3.19 -1.49 -5.90
C LEU A 177 -4.58 -2.08 -6.13
N VAL A 178 -4.87 -2.38 -7.40
CA VAL A 178 -6.21 -2.79 -7.85
C VAL A 178 -6.14 -4.10 -8.63
N THR A 179 -7.08 -5.01 -8.35
CA THR A 179 -7.18 -6.32 -9.00
C THR A 179 -7.96 -6.23 -10.33
N GLU A 180 -8.13 -7.37 -11.00
CA GLU A 180 -9.00 -7.47 -12.18
C GLU A 180 -10.47 -7.19 -11.83
N ASP A 181 -10.91 -7.71 -10.68
CA ASP A 181 -12.29 -7.49 -10.19
C ASP A 181 -12.41 -6.36 -9.15
N ASN A 182 -11.53 -5.36 -9.25
CA ASN A 182 -11.63 -4.11 -8.47
C ASN A 182 -11.65 -4.29 -6.96
N VAL A 183 -10.62 -4.98 -6.45
CA VAL A 183 -10.38 -5.16 -5.03
C VAL A 183 -9.17 -4.31 -4.65
N MET A 184 -9.34 -3.38 -3.70
CA MET A 184 -8.24 -2.54 -3.24
C MET A 184 -7.32 -3.33 -2.31
N LYS A 185 -6.07 -3.49 -2.71
CA LYS A 185 -5.07 -4.22 -1.94
C LYS A 185 -3.83 -3.35 -1.71
N ILE A 186 -3.48 -3.16 -0.43
CA ILE A 186 -2.39 -2.26 -0.03
C ILE A 186 -1.04 -2.96 -0.23
N ALA A 187 -0.06 -2.19 -0.73
CA ALA A 187 1.31 -2.69 -0.96
C ALA A 187 2.34 -1.82 -0.24
N ASP A 188 3.54 -2.38 -0.08
CA ASP A 188 4.69 -1.74 0.61
C ASP A 188 4.53 -1.47 2.13
N PHE A 189 3.45 -1.99 2.74
CA PHE A 189 3.27 -2.01 4.20
C PHE A 189 4.43 -2.65 4.97
N GLY A 190 4.99 -3.73 4.43
CA GLY A 190 6.04 -4.51 5.08
C GLY A 190 7.45 -3.97 4.93
N LEU A 191 7.65 -3.00 4.04
CA LEU A 191 8.96 -2.40 3.80
C LEU A 191 9.41 -1.55 4.99
N ALA A 192 10.70 -1.67 5.35
CA ALA A 192 11.30 -0.89 6.44
C ALA A 192 11.47 0.59 6.04
N ARG A 193 11.96 1.40 6.98
CA ARG A 193 12.10 2.85 6.75
C ARG A 193 13.12 3.17 5.63
N GLY A 194 12.80 4.17 4.82
CA GLY A 194 13.66 4.54 3.68
C GLY A 194 13.22 5.82 3.00
N LEU A 209 10.23 12.78 -0.05
CA LEU A 209 9.43 12.95 -1.26
C LEU A 209 7.92 13.10 -0.98
N PRO A 210 7.29 12.16 -0.25
CA PRO A 210 5.85 12.28 0.01
C PRO A 210 5.57 13.22 1.19
N VAL A 211 5.77 14.52 0.96
CA VAL A 211 5.65 15.54 2.01
C VAL A 211 4.18 15.80 2.32
N LYS A 212 3.36 15.94 1.27
CA LYS A 212 1.92 16.20 1.38
C LYS A 212 1.15 15.13 2.18
N TRP A 213 1.61 13.87 2.08
CA TRP A 213 0.94 12.73 2.72
C TRP A 213 1.29 12.55 4.20
N MET A 214 2.44 13.08 4.62
CA MET A 214 2.90 12.94 6.02
C MET A 214 2.14 13.86 6.97
N ALA A 215 1.96 13.37 8.19
CA ALA A 215 1.35 14.15 9.29
C ALA A 215 2.33 15.20 9.81
N PRO A 216 1.83 16.22 10.55
CA PRO A 216 2.75 17.24 11.09
C PRO A 216 3.86 16.66 11.96
N GLU A 217 3.49 15.87 12.96
CA GLU A 217 4.46 15.18 13.83
C GLU A 217 5.44 14.26 13.09
N ALA A 218 4.97 13.67 11.99
CA ALA A 218 5.82 12.85 11.11
C ALA A 218 6.80 13.68 10.28
N LEU A 219 6.38 14.87 9.84
CA LEU A 219 7.26 15.79 9.10
C LEU A 219 8.36 16.35 9.99
N PHE A 220 7.96 17.03 11.05
CA PHE A 220 8.88 17.84 11.86
C PHE A 220 9.67 16.99 12.84
N ASP A 221 8.97 16.33 13.76
CA ASP A 221 9.60 15.54 14.84
C ASP A 221 9.91 14.09 14.42
N ARG A 222 9.25 13.60 13.38
CA ARG A 222 9.43 12.24 12.84
C ARG A 222 9.08 11.14 13.85
N VAL A 223 7.91 11.30 14.47
CA VAL A 223 7.33 10.31 15.37
C VAL A 223 6.12 9.70 14.67
N TYR A 224 6.30 8.48 14.15
CA TYR A 224 5.23 7.77 13.44
C TYR A 224 4.43 6.93 14.43
N THR A 225 3.11 7.03 14.34
CA THR A 225 2.18 6.26 15.18
C THR A 225 1.10 5.65 14.27
N HIS A 226 0.08 5.03 14.87
CA HIS A 226 -1.12 4.63 14.14
C HIS A 226 -1.89 5.86 13.63
N GLN A 227 -1.87 6.94 14.41
CA GLN A 227 -2.60 8.17 14.08
C GLN A 227 -1.92 9.04 13.01
N SER A 228 -0.63 8.78 12.71
CA SER A 228 0.03 9.43 11.58
C SER A 228 -0.44 8.88 10.24
N ASP A 229 -0.77 7.58 10.20
CA ASP A 229 -1.42 6.97 9.03
C ASP A 229 -2.87 7.45 8.85
N VAL A 230 -3.54 7.78 9.95
CA VAL A 230 -4.88 8.37 9.91
C VAL A 230 -4.88 9.68 9.11
N TRP A 231 -3.87 10.51 9.34
CA TRP A 231 -3.64 11.72 8.54
C TRP A 231 -3.51 11.38 7.05
N SER A 232 -2.67 10.40 6.75
CA SER A 232 -2.44 9.94 5.37
C SER A 232 -3.69 9.34 4.72
N PHE A 233 -4.53 8.68 5.51
CA PHE A 233 -5.84 8.19 5.04
C PHE A 233 -6.75 9.35 4.65
N GLY A 234 -6.71 10.43 5.43
CA GLY A 234 -7.40 11.67 5.07
C GLY A 234 -6.98 12.22 3.72
N ILE A 235 -5.68 12.19 3.45
CA ILE A 235 -5.12 12.60 2.15
C ILE A 235 -5.50 11.58 1.07
N LEU A 236 -5.54 10.29 1.42
CA LEU A 236 -5.98 9.24 0.49
C LEU A 236 -7.46 9.34 0.11
N LEU A 237 -8.31 9.74 1.06
CA LEU A 237 -9.73 10.03 0.78
C LEU A 237 -9.87 11.17 -0.24
N TRP A 238 -9.06 12.21 -0.08
CA TRP A 238 -9.00 13.35 -1.01
C TRP A 238 -8.66 12.89 -2.42
N GLU A 239 -7.63 12.04 -2.56
CA GLU A 239 -7.21 11.48 -3.85
C GLU A 239 -8.31 10.69 -4.56
N ILE A 240 -9.06 9.90 -3.79
CA ILE A 240 -10.14 9.06 -4.34
C ILE A 240 -11.26 9.93 -4.92
N PHE A 241 -11.78 10.84 -4.10
CA PHE A 241 -12.92 11.69 -4.48
C PHE A 241 -12.55 12.92 -5.33
N THR A 242 -11.27 13.06 -5.69
CA THR A 242 -10.84 13.95 -6.78
C THR A 242 -10.49 13.17 -8.07
N LEU A 243 -10.87 11.89 -8.13
CA LEU A 243 -10.61 11.00 -9.27
C LEU A 243 -9.11 10.93 -9.62
N GLY A 244 -8.31 10.64 -8.59
CA GLY A 244 -6.85 10.56 -8.72
C GLY A 244 -6.18 11.91 -8.92
N GLY A 245 -6.62 12.91 -8.18
CA GLY A 245 -6.05 14.26 -8.24
C GLY A 245 -4.80 14.38 -7.40
N SER A 246 -3.99 15.39 -7.70
CA SER A 246 -2.77 15.69 -6.93
C SER A 246 -3.12 16.60 -5.74
N PRO A 247 -2.81 16.15 -4.50
CA PRO A 247 -3.19 16.94 -3.30
C PRO A 247 -2.35 18.19 -3.13
N TYR A 248 -2.96 19.22 -2.54
CA TYR A 248 -2.34 20.55 -2.39
C TYR A 248 -1.87 21.09 -3.74
N PRO A 249 -2.82 21.39 -4.65
CA PRO A 249 -2.48 21.73 -6.04
C PRO A 249 -1.86 23.12 -6.20
N GLY A 250 -0.64 23.14 -6.75
CA GLY A 250 0.03 24.38 -7.13
C GLY A 250 0.74 25.12 -6.00
N ILE A 251 1.56 24.38 -5.25
CA ILE A 251 2.46 24.96 -4.23
C ILE A 251 3.82 24.25 -4.26
N PRO A 252 4.90 24.93 -3.81
CA PRO A 252 6.26 24.39 -4.00
C PRO A 252 6.78 23.43 -2.92
N VAL A 253 5.91 22.96 -2.01
CA VAL A 253 6.30 22.12 -0.86
C VAL A 253 7.24 22.89 0.08
N GLU A 254 6.78 24.07 0.51
CA GLU A 254 7.52 24.95 1.41
C GLU A 254 6.56 25.82 2.24
N GLU A 255 5.67 26.54 1.54
CA GLU A 255 4.54 27.22 2.17
C GLU A 255 3.51 26.25 2.79
N LEU A 256 3.50 25.00 2.30
CA LEU A 256 2.72 23.90 2.90
C LEU A 256 2.93 23.75 4.41
N PHE A 257 4.19 23.84 4.84
CA PHE A 257 4.55 23.70 6.25
C PHE A 257 3.93 24.83 7.10
N SER A 258 4.10 26.06 6.64
CA SER A 258 3.46 27.22 7.27
C SER A 258 1.93 27.19 7.17
N LEU A 259 1.41 26.67 6.05
CA LEU A 259 -0.04 26.55 5.84
C LEU A 259 -0.70 25.57 6.81
N LEU A 260 -0.08 24.41 7.00
CA LEU A 260 -0.61 23.36 7.89
C LEU A 260 -0.72 23.81 9.35
N ARG A 261 0.30 24.52 9.83
CA ARG A 261 0.32 25.03 11.22
C ARG A 261 -0.18 26.49 11.35
N GLU A 262 -1.19 26.84 10.54
CA GLU A 262 -1.96 28.07 10.71
C GLU A 262 -3.47 27.80 10.58
N GLY A 263 -3.89 26.59 10.96
CA GLY A 263 -5.29 26.18 10.90
C GLY A 263 -5.92 26.20 9.51
N HIS A 264 -5.15 25.79 8.50
CA HIS A 264 -5.61 25.79 7.11
C HIS A 264 -5.28 24.44 6.45
N ARG A 265 -6.32 23.77 5.96
CA ARG A 265 -6.21 22.47 5.29
C ARG A 265 -6.82 22.55 3.88
N MET A 266 -6.80 21.43 3.15
CA MET A 266 -7.39 21.36 1.81
C MET A 266 -8.91 21.54 1.84
N ASP A 267 -9.45 22.08 0.75
CA ASP A 267 -10.88 22.36 0.62
C ASP A 267 -11.67 21.08 0.30
N ARG A 268 -13.00 21.18 0.41
CA ARG A 268 -13.91 20.12 -0.02
C ARG A 268 -13.96 20.14 -1.55
N PRO A 269 -13.57 19.03 -2.20
CA PRO A 269 -13.44 19.04 -3.67
C PRO A 269 -14.79 18.99 -4.40
N PRO A 270 -14.77 19.15 -5.74
CA PRO A 270 -16.00 19.00 -6.55
C PRO A 270 -16.64 17.62 -6.40
N HIS A 271 -17.95 17.60 -6.15
CA HIS A 271 -18.73 16.37 -5.93
C HIS A 271 -18.22 15.57 -4.73
N CYS A 272 -18.59 16.04 -3.54
CA CYS A 272 -18.26 15.38 -2.27
C CYS A 272 -19.25 15.80 -1.19
N PRO A 273 -19.84 14.82 -0.45
CA PRO A 273 -20.75 15.19 0.64
C PRO A 273 -20.07 15.88 1.83
N PRO A 274 -20.83 16.67 2.62
CA PRO A 274 -20.26 17.37 3.78
C PRO A 274 -19.92 16.45 4.95
N GLU A 275 -20.75 15.42 5.19
CA GLU A 275 -20.49 14.41 6.22
C GLU A 275 -19.27 13.56 5.88
N LEU A 276 -19.13 13.22 4.60
CA LEU A 276 -17.95 12.50 4.09
C LEU A 276 -16.70 13.38 4.07
N TYR A 277 -16.87 14.67 3.79
CA TYR A 277 -15.77 15.65 3.93
C TYR A 277 -15.40 15.84 5.41
N GLY A 278 -16.38 15.77 6.30
CA GLY A 278 -16.17 15.81 7.74
C GLY A 278 -15.20 14.76 8.27
N LEU A 279 -15.18 13.58 7.65
CA LEU A 279 -14.22 12.52 7.98
C LEU A 279 -12.78 12.90 7.60
N MET A 280 -12.60 13.66 6.52
CA MET A 280 -11.29 14.18 6.11
C MET A 280 -10.77 15.22 7.10
N ARG A 281 -11.67 16.11 7.53
CA ARG A 281 -11.34 17.13 8.53
C ARG A 281 -11.01 16.52 9.90
N GLU A 282 -11.68 15.43 10.26
CA GLU A 282 -11.36 14.65 11.46
C GLU A 282 -9.95 14.07 11.42
N CYS A 283 -9.57 13.51 10.26
CA CYS A 283 -8.22 12.99 10.04
C CYS A 283 -7.13 14.05 10.11
N TRP A 284 -7.43 15.27 9.63
CA TRP A 284 -6.45 16.36 9.57
C TRP A 284 -6.38 17.26 10.82
N HIS A 285 -6.93 16.80 11.95
CA HIS A 285 -6.73 17.49 13.24
C HIS A 285 -5.26 17.45 13.64
N ALA A 286 -4.77 18.53 14.24
CA ALA A 286 -3.37 18.68 14.63
C ALA A 286 -2.98 17.71 15.75
N ALA A 287 -3.84 17.60 16.76
CA ALA A 287 -3.65 16.67 17.87
C ALA A 287 -3.89 15.22 17.41
N PRO A 288 -2.89 14.33 17.55
CA PRO A 288 -3.08 12.91 17.18
C PRO A 288 -4.19 12.19 17.97
N SER A 289 -4.36 12.55 19.24
CA SER A 289 -5.43 12.00 20.08
C SER A 289 -6.83 12.37 19.58
N GLN A 290 -6.97 13.58 19.05
CA GLN A 290 -8.25 14.05 18.48
C GLN A 290 -8.61 13.39 17.14
N ARG A 291 -7.63 12.85 16.42
CA ARG A 291 -7.88 12.14 15.16
C ARG A 291 -8.58 10.81 15.44
N PRO A 292 -9.44 10.33 14.51
CA PRO A 292 -10.18 9.10 14.75
C PRO A 292 -9.34 7.85 14.47
N THR A 293 -9.56 6.79 15.25
CA THR A 293 -8.95 5.48 14.99
C THR A 293 -9.53 4.85 13.72
N PHE A 294 -8.78 3.91 13.15
CA PHE A 294 -9.23 3.18 11.95
C PHE A 294 -10.51 2.38 12.16
N LYS A 295 -10.75 1.91 13.39
CA LYS A 295 -11.99 1.24 13.76
C LYS A 295 -13.24 2.12 13.55
N GLN A 296 -13.11 3.41 13.87
CA GLN A 296 -14.20 4.37 13.68
C GLN A 296 -14.42 4.72 12.20
N LEU A 297 -13.33 4.93 11.47
CA LEU A 297 -13.39 5.27 10.04
C LEU A 297 -13.98 4.16 9.15
N VAL A 298 -13.75 2.90 9.53
CA VAL A 298 -14.42 1.76 8.88
C VAL A 298 -15.91 1.79 9.18
N GLU A 299 -16.25 1.89 10.47
CA GLU A 299 -17.65 1.94 10.92
C GLU A 299 -18.45 3.13 10.36
N ALA A 300 -17.77 4.26 10.17
CA ALA A 300 -18.37 5.44 9.54
C ALA A 300 -18.65 5.21 8.06
N LEU A 301 -17.62 4.75 7.34
CA LEU A 301 -17.76 4.40 5.91
C LEU A 301 -18.70 3.22 5.68
N ASP A 302 -18.82 2.32 6.65
CA ASP A 302 -19.76 1.19 6.60
C ASP A 302 -21.20 1.68 6.52
N LYS A 303 -21.54 2.69 7.31
CA LYS A 303 -22.88 3.30 7.29
C LYS A 303 -23.19 3.97 5.94
N VAL A 304 -22.18 4.58 5.33
CA VAL A 304 -22.32 5.19 4.00
C VAL A 304 -22.40 4.12 2.92
N LEU A 305 -21.58 3.08 3.03
CA LEU A 305 -21.60 1.96 2.08
C LEU A 305 -22.89 1.14 2.17
N LEU A 306 -23.38 0.95 3.39
CA LEU A 306 -24.67 0.27 3.64
C LEU A 306 -25.86 1.06 3.11
N ALA A 307 -25.77 2.39 3.09
CA ALA A 307 -26.82 3.26 2.55
C ALA A 307 -26.99 3.08 1.04
N VAL A 308 -25.87 3.11 0.32
CA VAL A 308 -25.84 2.85 -1.12
C VAL A 308 -25.62 1.36 -1.38
#